data_1MC3
#
_entry.id   1MC3
#
_cell.length_a   144.338
_cell.length_b   71.682
_cell.length_c   59.413
_cell.angle_alpha   90.00
_cell.angle_beta   90.00
_cell.angle_gamma   90.00
#
_symmetry.space_group_name_H-M   'P 21 21 2'
#
loop_
_entity.id
_entity.type
_entity.pdbx_description
1 polymer 'GLUCOSE-1-PHOSPHATE THYMIDYLYLTRANSFERASE'
2 non-polymer 'MAGNESIUM ION'
3 non-polymer "THYMIDINE-5'-TRIPHOSPHATE"
4 water water
#
_entity_poly.entity_id   1
_entity_poly.type   'polypeptide(L)'
_entity_poly.pdbx_seq_one_letter_code
;GSH(MSE)KGIILAGGSGTRLHPITRGVSKQLLPIYDKP(MSE)IYYPLSVL(MSE)LAGIREILIITTPEDKGYFQRLL
GDGSEFGIQLEYAEQPSPDGLAQAFIIGETFLNGEPSCLVLGDNIFFGQGFSPKLRHVAARTEGATVFGYQV(MSE)DPE
RFGVVEFDDNFRAISLEEKPKQPKSNWAVTGLYFYDSKVVEYAKQVKPSERGELEITSINQ(MSE)YLEAGNLTVELLGR
GFAWLDTGTHDSLIEASTFVQTVEKRQGFKIACLEEIAWRNGWLDDEGVKRAASSLAKTGYGQYLLELLRARPRQY
;
_entity_poly.pdbx_strand_id   A,B
#
# COMPACT_ATOMS: atom_id res chain seq x y z
N HIS A 3 30.08 1.64 -8.29
CA HIS A 3 30.14 0.90 -7.00
C HIS A 3 30.29 1.86 -5.82
N LYS A 5 29.50 2.37 -1.23
CA LYS A 5 29.44 1.64 0.05
C LYS A 5 28.34 2.15 0.97
N GLY A 6 27.86 1.30 1.87
CA GLY A 6 26.82 1.74 2.77
C GLY A 6 27.14 1.49 4.22
N ILE A 7 26.60 2.36 5.08
CA ILE A 7 26.79 2.25 6.53
C ILE A 7 25.43 2.27 7.24
N ILE A 8 25.30 1.54 8.34
CA ILE A 8 24.07 1.55 9.10
C ILE A 8 24.38 1.80 10.57
N LEU A 9 23.91 2.92 11.09
CA LEU A 9 24.08 3.25 12.52
C LEU A 9 23.05 2.39 13.27
N ALA A 10 23.54 1.38 13.99
CA ALA A 10 22.66 0.49 14.73
C ALA A 10 23.03 0.46 16.20
N GLY A 11 23.51 1.60 16.71
CA GLY A 11 23.89 1.67 18.10
C GLY A 11 22.89 2.49 18.86
N GLY A 12 23.36 3.47 19.61
CA GLY A 12 22.48 4.32 20.38
C GLY A 12 22.01 3.70 21.69
N SER A 13 21.55 4.53 22.60
CA SER A 13 21.06 4.09 23.91
C SER A 13 19.56 3.82 23.88
N GLY A 14 18.91 4.29 22.81
CA GLY A 14 17.46 4.13 22.66
C GLY A 14 16.69 4.38 23.94
N THR A 15 16.96 5.50 24.59
CA THR A 15 16.29 5.78 25.88
C THR A 15 14.76 5.92 25.85
N ARG A 16 14.20 6.41 24.75
CA ARG A 16 12.76 6.59 24.67
C ARG A 16 11.93 5.31 24.70
N LEU A 17 12.58 4.17 24.56
CA LEU A 17 11.87 2.89 24.59
C LEU A 17 12.34 2.21 25.87
N HIS A 18 12.79 3.00 26.82
CA HIS A 18 13.45 2.47 27.98
C HIS A 18 13.16 1.30 28.84
N PRO A 19 11.98 1.13 29.41
CA PRO A 19 12.14 -0.13 30.15
C PRO A 19 12.78 -1.26 29.29
N ILE A 20 12.35 -1.39 28.03
CA ILE A 20 12.82 -2.42 27.08
C ILE A 20 14.30 -2.39 26.68
N THR A 21 14.73 -1.28 26.07
CA THR A 21 16.11 -1.14 25.58
C THR A 21 17.19 -1.15 26.66
N ARG A 22 16.79 -1.44 27.88
CA ARG A 22 17.73 -1.54 28.99
C ARG A 22 18.37 -2.90 28.80
N GLY A 23 17.73 -3.73 28.01
CA GLY A 23 18.25 -5.07 27.82
C GLY A 23 18.81 -5.33 26.45
N VAL A 24 17.99 -5.13 25.43
CA VAL A 24 18.39 -5.40 24.07
C VAL A 24 18.41 -4.13 23.23
N SER A 25 19.28 -4.10 22.23
CA SER A 25 19.36 -2.94 21.34
C SER A 25 18.04 -2.72 20.62
N LYS A 26 17.66 -1.46 20.44
CA LYS A 26 16.43 -1.08 19.73
C LYS A 26 16.33 -1.68 18.34
N GLN A 27 17.47 -1.80 17.66
CA GLN A 27 17.52 -2.32 16.31
C GLN A 27 17.33 -3.81 16.20
N LEU A 28 17.20 -4.50 17.32
CA LEU A 28 16.98 -5.93 17.28
C LEU A 28 15.50 -6.19 17.57
N LEU A 29 14.78 -5.16 18.00
CA LEU A 29 13.37 -5.29 18.30
C LEU A 29 12.57 -5.59 17.06
N PRO A 30 11.39 -6.19 17.22
CA PRO A 30 10.62 -6.49 16.03
C PRO A 30 9.63 -5.50 15.42
N ILE A 31 9.67 -5.43 14.10
CA ILE A 31 8.72 -4.64 13.32
C ILE A 31 7.98 -5.80 12.67
N TYR A 32 6.89 -6.22 13.33
CA TYR A 32 6.07 -7.35 12.92
C TYR A 32 6.76 -8.70 13.02
N ASP A 33 7.22 -9.21 11.89
CA ASP A 33 7.87 -10.52 11.87
C ASP A 33 9.37 -10.46 11.57
N LYS A 34 9.90 -9.26 11.38
CA LYS A 34 11.32 -9.12 11.08
C LYS A 34 12.02 -8.19 12.04
N PRO A 35 13.28 -8.49 12.37
CA PRO A 35 14.06 -7.66 13.29
C PRO A 35 14.10 -6.26 12.70
N ILE A 37 16.41 -4.05 12.22
CA ILE A 37 17.50 -3.78 11.31
C ILE A 37 17.31 -4.28 9.88
N TYR A 38 16.43 -5.25 9.71
CA TYR A 38 16.11 -5.80 8.41
C TYR A 38 15.61 -4.70 7.50
N TYR A 39 14.97 -3.70 8.09
CA TYR A 39 14.42 -2.63 7.27
C TYR A 39 15.46 -1.67 6.70
N PRO A 40 16.25 -1.00 7.56
CA PRO A 40 17.22 -0.10 6.94
C PRO A 40 18.11 -0.85 5.95
N LEU A 41 18.45 -2.08 6.28
CA LEU A 41 19.29 -2.89 5.42
C LEU A 41 18.69 -3.07 4.02
N SER A 42 17.43 -3.45 3.96
CA SER A 42 16.73 -3.66 2.69
C SER A 42 16.79 -2.44 1.78
N VAL A 43 16.82 -1.26 2.40
CA VAL A 43 16.91 -0.03 1.65
C VAL A 43 18.23 -0.03 0.86
N LEU A 44 19.34 -0.19 1.58
CA LEU A 44 20.67 -0.25 0.97
C LEU A 44 20.68 -1.30 -0.13
N LEU A 46 18.12 -2.27 -1.88
CA LEU A 46 17.29 -1.81 -2.99
C LEU A 46 18.07 -0.74 -3.78
N ALA A 47 19.07 -0.16 -3.12
CA ALA A 47 19.90 0.85 -3.77
C ALA A 47 21.04 0.14 -4.49
N GLY A 48 21.07 -1.19 -4.39
CA GLY A 48 22.11 -1.96 -5.04
C GLY A 48 23.49 -1.98 -4.37
N ILE A 49 23.55 -1.74 -3.07
CA ILE A 49 24.81 -1.70 -2.32
C ILE A 49 25.07 -3.02 -1.60
N ARG A 50 26.21 -3.66 -1.87
CA ARG A 50 26.53 -4.94 -1.23
C ARG A 50 27.57 -4.91 -0.11
N GLU A 51 28.38 -3.86 -0.05
CA GLU A 51 29.39 -3.74 1.00
C GLU A 51 28.76 -2.81 2.04
N ILE A 52 28.45 -3.36 3.20
CA ILE A 52 27.79 -2.60 4.26
C ILE A 52 28.43 -2.76 5.61
N LEU A 53 28.75 -1.62 6.24
CA LEU A 53 29.34 -1.62 7.57
C LEU A 53 28.20 -1.36 8.55
N ILE A 54 28.09 -2.18 9.59
CA ILE A 54 27.06 -2.00 10.58
C ILE A 54 27.76 -1.53 11.85
N ILE A 55 27.41 -0.35 12.34
CA ILE A 55 28.03 0.13 13.55
C ILE A 55 27.04 -0.13 14.69
N THR A 56 27.55 -0.79 15.73
CA THR A 56 26.77 -1.16 16.90
C THR A 56 27.55 -0.87 18.18
N THR A 57 26.89 -1.05 19.33
CA THR A 57 27.55 -0.85 20.61
C THR A 57 28.38 -2.12 20.88
N PRO A 58 29.34 -2.02 21.82
CA PRO A 58 30.16 -3.20 22.11
C PRO A 58 29.34 -4.33 22.71
N GLU A 59 28.29 -3.96 23.42
CA GLU A 59 27.44 -4.94 24.06
C GLU A 59 26.51 -5.70 23.14
N ASP A 60 25.98 -5.04 22.11
CA ASP A 60 25.04 -5.71 21.21
C ASP A 60 25.64 -6.50 20.05
N LYS A 61 26.86 -6.15 19.66
CA LYS A 61 27.59 -6.77 18.54
C LYS A 61 27.32 -8.27 18.27
N GLY A 62 27.65 -9.11 19.23
CA GLY A 62 27.47 -10.53 19.05
C GLY A 62 26.05 -10.93 18.73
N TYR A 63 25.09 -10.14 19.16
CA TYR A 63 23.70 -10.47 18.88
C TYR A 63 23.42 -10.20 17.40
N PHE A 64 24.00 -9.13 16.87
CA PHE A 64 23.82 -8.82 15.48
C PHE A 64 24.51 -9.86 14.64
N GLN A 65 25.74 -10.22 15.03
CA GLN A 65 26.49 -11.21 14.29
C GLN A 65 25.74 -12.51 14.33
N ARG A 66 25.23 -12.82 15.50
CA ARG A 66 24.46 -14.03 15.72
C ARG A 66 23.22 -14.09 14.80
N LEU A 67 22.69 -12.92 14.48
CA LEU A 67 21.51 -12.80 13.64
C LEU A 67 21.81 -12.57 12.15
N LEU A 68 22.89 -11.89 11.84
CA LEU A 68 23.19 -11.59 10.45
C LEU A 68 24.44 -12.28 9.86
N GLY A 69 25.33 -12.76 10.72
CA GLY A 69 26.52 -13.42 10.24
C GLY A 69 27.32 -12.50 9.36
N ASP A 70 28.01 -13.06 8.37
CA ASP A 70 28.80 -12.25 7.46
C ASP A 70 27.96 -11.71 6.32
N GLY A 71 26.66 -12.01 6.36
CA GLY A 71 25.74 -11.52 5.35
C GLY A 71 25.71 -12.34 4.08
N SER A 72 26.53 -13.38 4.04
CA SER A 72 26.59 -14.24 2.88
C SER A 72 25.23 -14.90 2.64
N GLU A 73 24.43 -15.01 3.69
CA GLU A 73 23.11 -15.61 3.56
C GLU A 73 22.16 -14.73 2.77
N PHE A 74 22.52 -13.46 2.60
CA PHE A 74 21.67 -12.55 1.86
C PHE A 74 22.47 -12.06 0.68
N GLY A 75 23.59 -12.74 0.41
CA GLY A 75 24.42 -12.35 -0.70
C GLY A 75 24.88 -10.93 -0.58
N ILE A 76 25.50 -10.60 0.55
CA ILE A 76 26.03 -9.26 0.75
C ILE A 76 27.26 -9.40 1.63
N GLN A 77 28.13 -8.39 1.60
CA GLN A 77 29.35 -8.42 2.38
C GLN A 77 29.26 -7.52 3.62
N LEU A 78 28.98 -8.10 4.77
CA LEU A 78 28.83 -7.33 6.00
C LEU A 78 30.07 -7.18 6.85
N GLU A 79 30.35 -5.96 7.27
CA GLU A 79 31.47 -5.71 8.14
C GLU A 79 30.90 -5.09 9.40
N TYR A 80 31.54 -5.32 10.54
CA TYR A 80 31.06 -4.77 11.78
C TYR A 80 32.10 -3.83 12.40
N ALA A 81 31.63 -2.88 13.20
CA ALA A 81 32.49 -1.91 13.87
C ALA A 81 31.77 -1.43 15.16
N GLU A 82 32.50 -1.25 16.26
CA GLU A 82 31.88 -0.82 17.52
C GLU A 82 32.01 0.68 17.81
N GLN A 83 30.93 1.29 18.28
CA GLN A 83 30.94 2.69 18.65
C GLN A 83 30.88 2.62 20.18
N PRO A 84 32.03 2.74 20.87
CA PRO A 84 32.25 2.69 22.31
C PRO A 84 31.19 3.35 23.17
N SER A 85 30.86 4.58 22.79
CA SER A 85 29.89 5.41 23.51
C SER A 85 29.07 6.15 22.45
N PRO A 86 27.74 6.31 22.66
CA PRO A 86 26.84 7.00 21.72
C PRO A 86 27.06 8.51 21.58
N ASP A 87 28.16 8.88 20.94
CA ASP A 87 28.53 10.29 20.78
C ASP A 87 27.94 11.07 19.60
N GLY A 88 26.93 10.53 18.94
CA GLY A 88 26.37 11.28 17.82
C GLY A 88 26.48 10.56 16.50
N LEU A 89 25.68 10.97 15.53
CA LEU A 89 25.66 10.33 14.21
C LEU A 89 26.85 10.61 13.31
N ALA A 90 27.30 11.86 13.26
CA ALA A 90 28.43 12.24 12.42
C ALA A 90 29.62 11.31 12.61
N GLN A 91 29.75 10.80 13.83
CA GLN A 91 30.84 9.95 14.24
C GLN A 91 30.94 8.69 13.42
N ALA A 92 29.90 8.40 12.65
CA ALA A 92 29.89 7.20 11.84
C ALA A 92 31.01 7.23 10.83
N PHE A 93 31.19 8.40 10.23
CA PHE A 93 32.23 8.56 9.23
C PHE A 93 33.64 8.49 9.83
N ILE A 94 33.79 8.99 11.05
CA ILE A 94 35.08 8.91 11.72
C ILE A 94 35.30 7.41 11.89
N ILE A 95 34.44 6.79 12.69
CA ILE A 95 34.53 5.36 12.94
C ILE A 95 34.63 4.53 11.68
N GLY A 96 33.98 4.96 10.62
CA GLY A 96 34.02 4.19 9.39
C GLY A 96 35.00 4.67 8.33
N GLU A 97 36.01 5.45 8.74
CA GLU A 97 36.96 5.96 7.76
C GLU A 97 37.64 4.83 7.01
N THR A 98 38.48 4.09 7.73
CA THR A 98 39.21 2.98 7.12
C THR A 98 38.30 2.15 6.20
N PHE A 99 37.02 2.00 6.56
CA PHE A 99 36.08 1.21 5.77
C PHE A 99 35.68 1.87 4.44
N LEU A 100 35.19 3.10 4.54
CA LEU A 100 34.78 3.86 3.37
C LEU A 100 35.93 4.01 2.39
N ASN A 101 37.13 4.11 2.98
CA ASN A 101 38.35 4.33 2.22
C ASN A 101 38.10 5.73 1.64
N GLY A 102 38.14 5.88 0.33
CA GLY A 102 37.91 7.20 -0.20
C GLY A 102 36.66 7.26 -1.05
N GLU A 103 35.93 6.15 -1.09
CA GLU A 103 34.74 6.08 -1.89
C GLU A 103 33.50 6.78 -1.34
N PRO A 104 32.49 6.95 -2.20
CA PRO A 104 31.21 7.60 -1.85
C PRO A 104 30.36 6.64 -0.98
N SER A 105 29.39 7.20 -0.26
CA SER A 105 28.60 6.38 0.64
C SER A 105 27.14 6.70 0.79
N CYS A 106 26.50 5.84 1.59
CA CYS A 106 25.09 5.92 1.90
C CYS A 106 24.86 5.54 3.36
N LEU A 107 24.38 6.50 4.15
CA LEU A 107 24.10 6.23 5.55
C LEU A 107 22.61 6.09 5.75
N VAL A 108 22.21 5.06 6.48
CA VAL A 108 20.81 4.85 6.77
C VAL A 108 20.69 4.62 8.28
N LEU A 109 19.84 5.41 8.94
CA LEU A 109 19.65 5.27 10.36
C LEU A 109 19.00 3.93 10.60
N GLY A 110 19.32 3.29 11.72
CA GLY A 110 18.76 1.98 11.98
C GLY A 110 17.31 1.93 12.41
N ASP A 111 16.71 3.02 12.87
CA ASP A 111 15.33 2.98 13.33
C ASP A 111 14.33 3.56 12.33
N ASN A 112 14.72 3.57 11.06
CA ASN A 112 13.88 4.13 10.00
C ASN A 112 13.25 3.06 9.10
N ILE A 113 11.95 3.20 8.83
CA ILE A 113 11.25 2.25 7.96
C ILE A 113 10.80 3.05 6.76
N PHE A 114 11.14 2.57 5.58
CA PHE A 114 10.76 3.25 4.34
C PHE A 114 9.99 2.30 3.46
N PHE A 115 8.98 2.81 2.77
CA PHE A 115 8.22 1.96 1.88
C PHE A 115 7.30 2.69 0.92
N GLY A 116 7.46 2.38 -0.35
CA GLY A 116 6.63 2.98 -1.36
C GLY A 116 6.79 2.21 -2.64
N GLN A 117 5.87 2.42 -3.58
CA GLN A 117 5.95 1.76 -4.87
C GLN A 117 7.05 2.46 -5.68
N GLY A 118 7.85 1.67 -6.37
CA GLY A 118 8.93 2.25 -7.16
C GLY A 118 9.78 3.14 -6.28
N PHE A 119 10.46 2.51 -5.33
CA PHE A 119 11.33 3.22 -4.42
C PHE A 119 12.73 2.93 -4.95
N SER A 120 12.97 1.64 -5.24
CA SER A 120 14.26 1.16 -5.73
C SER A 120 14.83 2.06 -6.81
N PRO A 121 14.03 2.40 -7.82
CA PRO A 121 14.55 3.27 -8.90
C PRO A 121 15.03 4.59 -8.30
N LYS A 122 14.09 5.35 -7.75
CA LYS A 122 14.40 6.62 -7.13
C LYS A 122 15.74 6.50 -6.39
N LEU A 123 15.92 5.39 -5.67
CA LEU A 123 17.14 5.16 -4.94
C LEU A 123 18.35 5.11 -5.90
N ARG A 124 18.32 4.17 -6.83
CA ARG A 124 19.39 3.98 -7.81
C ARG A 124 19.82 5.29 -8.47
N HIS A 125 18.85 5.99 -9.05
CA HIS A 125 19.12 7.26 -9.71
C HIS A 125 19.98 8.12 -8.77
N VAL A 126 19.49 8.41 -7.56
CA VAL A 126 20.24 9.23 -6.61
C VAL A 126 21.61 8.63 -6.30
N ALA A 127 21.71 7.30 -6.41
CA ALA A 127 22.95 6.58 -6.15
C ALA A 127 23.86 6.61 -7.37
N ALA A 128 23.37 7.32 -8.39
CA ALA A 128 24.16 7.48 -9.60
C ALA A 128 24.87 8.83 -9.54
N ARG A 129 24.79 9.51 -8.40
CA ARG A 129 25.43 10.80 -8.27
C ARG A 129 26.81 10.82 -7.60
N THR A 130 27.86 10.99 -8.42
CA THR A 130 29.21 11.10 -7.89
C THR A 130 29.35 12.59 -7.60
N GLU A 131 29.58 12.96 -6.34
CA GLU A 131 29.70 14.38 -5.99
C GLU A 131 28.41 14.98 -5.45
N GLY A 132 28.54 15.83 -4.42
CA GLY A 132 27.39 16.46 -3.81
C GLY A 132 26.87 15.74 -2.54
N ALA A 133 25.57 15.87 -2.27
CA ALA A 133 24.95 15.24 -1.10
C ALA A 133 23.43 15.31 -1.25
N THR A 134 22.77 14.15 -1.23
CA THR A 134 21.32 14.14 -1.38
C THR A 134 20.67 13.71 -0.06
N VAL A 135 19.54 14.32 0.30
CA VAL A 135 18.82 13.94 1.52
C VAL A 135 17.38 13.69 1.12
N PHE A 136 16.65 12.86 1.86
CA PHE A 136 15.27 12.58 1.50
C PHE A 136 14.30 13.19 2.49
N GLY A 137 13.51 14.15 2.01
CA GLY A 137 12.54 14.81 2.86
C GLY A 137 11.18 14.12 2.81
N TYR A 138 10.38 14.34 3.82
CA TYR A 138 9.07 13.72 3.85
C TYR A 138 8.14 14.70 4.51
N GLN A 139 6.91 14.78 4.00
CA GLN A 139 5.94 15.71 4.56
C GLN A 139 5.43 15.28 5.93
N VAL A 140 5.73 16.09 6.94
CA VAL A 140 5.28 15.80 8.30
C VAL A 140 4.19 16.82 8.68
N ASP A 142 3.94 17.55 12.05
CA ASP A 142 4.56 18.08 13.24
C ASP A 142 6.00 18.51 12.92
N PRO A 143 6.18 19.49 12.00
CA PRO A 143 7.50 19.99 11.59
C PRO A 143 8.42 20.58 12.67
N GLU A 144 7.97 20.63 13.93
CA GLU A 144 8.81 21.14 15.03
C GLU A 144 9.76 20.02 15.50
N ARG A 145 9.19 18.96 16.08
CA ARG A 145 10.00 17.84 16.58
C ARG A 145 10.71 17.02 15.48
N PHE A 146 10.93 17.63 14.30
CA PHE A 146 11.63 16.94 13.19
C PHE A 146 12.58 17.90 12.45
N GLY A 147 13.65 17.37 11.84
CA GLY A 147 14.58 18.22 11.12
C GLY A 147 14.01 18.73 9.79
N VAL A 148 13.94 20.04 9.63
CA VAL A 148 13.37 20.60 8.38
C VAL A 148 14.34 21.09 7.30
N VAL A 149 13.91 21.00 6.04
CA VAL A 149 14.75 21.47 4.94
C VAL A 149 13.96 22.28 3.94
N GLU A 150 14.40 23.51 3.69
CA GLU A 150 13.73 24.37 2.73
C GLU A 150 14.37 24.20 1.38
N PHE A 151 13.81 24.81 0.34
CA PHE A 151 14.34 24.65 -1.02
C PHE A 151 13.40 25.21 -2.12
N ASP A 152 13.85 25.15 -3.37
CA ASP A 152 13.08 25.59 -4.56
C ASP A 152 13.68 24.91 -5.79
N ASP A 153 12.94 24.91 -6.91
CA ASP A 153 13.36 24.28 -8.18
C ASP A 153 14.78 23.73 -8.13
N ASN A 154 14.90 22.40 -8.21
CA ASN A 154 16.20 21.76 -8.12
C ASN A 154 16.55 21.56 -6.66
N PHE A 155 15.62 21.96 -5.78
CA PHE A 155 15.81 21.85 -4.34
C PHE A 155 17.01 22.63 -3.80
N ARG A 156 18.20 22.03 -3.93
CA ARG A 156 19.40 22.68 -3.44
C ARG A 156 19.29 22.87 -1.94
N ALA A 157 18.09 23.23 -1.48
CA ALA A 157 17.88 23.46 -0.07
C ALA A 157 18.41 24.85 0.24
N ILE A 158 17.61 25.65 0.94
CA ILE A 158 18.02 27.01 1.27
C ILE A 158 18.25 27.16 2.77
N SER A 159 17.89 26.13 3.54
CA SER A 159 18.08 26.13 4.99
C SER A 159 17.79 24.77 5.64
N LEU A 160 18.57 24.41 6.65
CA LEU A 160 18.36 23.16 7.34
C LEU A 160 18.18 23.46 8.81
N GLU A 161 17.06 24.10 9.15
CA GLU A 161 16.78 24.45 10.54
C GLU A 161 16.21 23.22 11.25
N GLU A 162 16.99 22.63 12.16
CA GLU A 162 16.54 21.45 12.91
C GLU A 162 15.92 21.87 14.23
N LYS A 163 14.81 21.23 14.60
CA LYS A 163 14.12 21.57 15.84
C LYS A 163 13.80 23.06 15.73
N PRO A 164 13.23 23.48 14.57
CA PRO A 164 12.92 24.90 14.38
C PRO A 164 12.13 25.47 15.57
N LYS A 165 12.63 26.57 16.10
CA LYS A 165 11.97 27.22 17.22
C LYS A 165 10.61 27.76 16.78
N GLN A 166 10.36 27.92 15.47
CA GLN A 166 9.08 28.48 15.03
C GLN A 166 8.53 28.36 13.58
N PRO A 167 9.39 28.39 12.54
CA PRO A 167 8.77 28.30 11.20
C PRO A 167 9.19 27.24 10.19
N LYS A 168 9.97 27.73 9.22
CA LYS A 168 10.52 26.93 8.12
C LYS A 168 9.49 26.35 7.18
N SER A 169 9.77 25.14 6.69
CA SER A 169 8.91 24.38 5.79
C SER A 169 8.41 23.17 6.56
N ASN A 170 7.68 22.26 5.92
CA ASN A 170 7.17 21.07 6.62
C ASN A 170 7.79 19.75 6.11
N TRP A 171 8.88 19.85 5.36
CA TRP A 171 9.54 18.66 4.85
C TRP A 171 10.66 18.22 5.80
N ALA A 172 10.36 17.21 6.59
CA ALA A 172 11.32 16.65 7.53
C ALA A 172 12.31 15.87 6.68
N VAL A 173 13.54 15.75 7.17
CA VAL A 173 14.59 14.99 6.48
C VAL A 173 14.73 13.68 7.22
N THR A 174 14.70 12.60 6.45
CA THR A 174 14.78 11.26 7.00
C THR A 174 16.19 10.73 7.28
N GLY A 175 16.25 9.51 7.78
CA GLY A 175 17.53 8.89 8.09
C GLY A 175 18.16 8.21 6.89
N LEU A 176 17.93 8.76 5.70
CA LEU A 176 18.50 8.23 4.46
C LEU A 176 19.40 9.27 3.83
N TYR A 177 20.71 9.15 4.01
CA TYR A 177 21.63 10.13 3.42
C TYR A 177 22.61 9.56 2.39
N PHE A 178 22.99 10.40 1.43
CA PHE A 178 23.94 10.02 0.41
C PHE A 178 25.04 11.05 0.41
N TYR A 179 26.29 10.63 0.24
CA TYR A 179 27.35 11.61 0.21
C TYR A 179 28.38 11.31 -0.84
N ASP A 180 29.56 11.88 -0.62
CA ASP A 180 30.71 11.74 -1.50
C ASP A 180 31.93 11.96 -0.59
N SER A 181 33.09 11.55 -1.09
CA SER A 181 34.36 11.67 -0.37
C SER A 181 34.46 12.76 0.68
N LYS A 182 34.32 14.01 0.26
CA LYS A 182 34.43 15.12 1.20
C LYS A 182 33.73 14.87 2.54
N VAL A 183 32.97 13.78 2.65
CA VAL A 183 32.21 13.47 3.87
C VAL A 183 33.00 13.17 5.13
N VAL A 184 34.04 12.35 5.03
CA VAL A 184 34.86 12.03 6.21
C VAL A 184 35.48 13.34 6.70
N GLU A 185 35.72 14.22 5.72
CA GLU A 185 36.28 15.55 5.94
C GLU A 185 35.33 16.31 6.89
N TYR A 186 34.16 16.68 6.36
CA TYR A 186 33.17 17.43 7.10
C TYR A 186 32.90 16.84 8.47
N ALA A 187 32.97 15.52 8.55
CA ALA A 187 32.72 14.83 9.82
C ALA A 187 33.81 15.15 10.83
N LYS A 188 35.06 15.02 10.40
CA LYS A 188 36.21 15.27 11.27
C LYS A 188 36.14 16.62 11.92
N GLN A 189 35.43 17.56 11.30
CA GLN A 189 35.29 18.87 11.91
C GLN A 189 33.81 19.09 12.21
N VAL A 190 33.41 18.82 13.45
CA VAL A 190 32.02 18.98 13.91
C VAL A 190 32.02 19.13 15.43
N LYS A 191 31.40 20.20 15.91
CA LYS A 191 31.33 20.48 17.33
C LYS A 191 30.10 19.83 17.97
N PRO A 192 30.25 19.28 19.20
CA PRO A 192 29.14 18.64 19.90
C PRO A 192 27.97 19.62 20.12
N SER A 193 26.77 19.19 19.74
CA SER A 193 25.55 19.99 19.88
C SER A 193 25.24 20.28 21.36
N GLU A 194 24.26 21.15 21.60
CA GLU A 194 23.85 21.48 22.97
C GLU A 194 23.60 20.16 23.69
N ARG A 195 22.80 19.30 23.06
CA ARG A 195 22.47 17.96 23.58
C ARG A 195 23.80 17.32 23.95
N GLY A 196 24.79 17.50 23.09
CA GLY A 196 26.10 16.94 23.36
C GLY A 196 26.41 15.70 22.54
N GLU A 197 26.35 15.83 21.22
CA GLU A 197 26.66 14.72 20.32
C GLU A 197 26.91 15.23 18.90
N LEU A 198 27.85 14.58 18.22
CA LEU A 198 28.16 14.97 16.86
C LEU A 198 26.94 14.67 16.00
N GLU A 199 26.15 15.72 15.75
CA GLU A 199 24.91 15.68 14.96
C GLU A 199 25.17 15.70 13.47
N ILE A 200 24.55 14.75 12.77
CA ILE A 200 24.67 14.62 11.32
C ILE A 200 24.18 15.88 10.66
N THR A 201 23.31 16.61 11.34
CA THR A 201 22.80 17.84 10.77
C THR A 201 23.95 18.83 10.50
N SER A 202 24.89 18.92 11.44
CA SER A 202 26.03 19.81 11.28
C SER A 202 26.80 19.55 9.99
N ILE A 203 26.95 18.28 9.64
CA ILE A 203 27.65 17.87 8.43
C ILE A 203 26.88 18.25 7.18
N ASN A 204 25.55 18.22 7.30
CA ASN A 204 24.68 18.52 6.17
C ASN A 204 24.65 20.01 5.97
N GLN A 205 24.93 20.74 7.04
CA GLN A 205 24.95 22.20 7.01
C GLN A 205 26.01 22.62 5.99
N TYR A 207 27.45 21.08 3.55
CA TYR A 207 27.14 20.83 2.15
C TYR A 207 26.17 21.88 1.57
N LEU A 208 25.33 22.45 2.45
CA LEU A 208 24.35 23.46 2.02
C LEU A 208 25.05 24.73 1.58
N GLU A 209 25.95 25.19 2.43
CA GLU A 209 26.75 26.37 2.16
C GLU A 209 27.67 26.04 1.01
N ALA A 210 28.38 24.93 1.09
CA ALA A 210 29.24 24.54 -0.02
C ALA A 210 28.36 24.58 -1.27
N GLY A 211 27.05 24.66 -1.06
CA GLY A 211 26.07 24.71 -2.14
C GLY A 211 25.93 23.49 -3.03
N ASN A 212 26.11 22.29 -2.48
CA ASN A 212 26.01 21.07 -3.28
C ASN A 212 25.19 20.02 -2.51
N LEU A 213 24.13 20.49 -1.87
CA LEU A 213 23.24 19.65 -1.07
C LEU A 213 21.88 19.48 -1.73
N THR A 214 21.80 18.64 -2.76
CA THR A 214 20.55 18.40 -3.45
C THR A 214 19.54 17.78 -2.47
N VAL A 215 18.26 17.75 -2.86
CA VAL A 215 17.21 17.21 -1.97
C VAL A 215 16.15 16.34 -2.72
N GLU A 216 16.10 15.05 -2.41
CA GLU A 216 15.18 14.13 -3.04
C GLU A 216 13.83 14.14 -2.36
N LEU A 217 12.80 14.21 -3.19
CA LEU A 217 11.45 14.37 -2.70
C LEU A 217 10.66 13.07 -2.57
N LEU A 218 10.28 12.65 -1.36
CA LEU A 218 9.49 11.40 -1.17
C LEU A 218 8.01 11.73 -1.17
N GLY A 219 7.46 11.48 -2.36
CA GLY A 219 6.09 11.72 -2.75
C GLY A 219 4.98 11.13 -1.93
N ARG A 220 3.77 11.18 -2.48
CA ARG A 220 2.63 10.70 -1.75
C ARG A 220 2.69 9.21 -1.37
N GLY A 221 2.53 8.29 -2.32
CA GLY A 221 2.54 6.88 -1.96
C GLY A 221 3.64 6.33 -1.06
N PHE A 222 4.51 7.19 -0.55
CA PHE A 222 5.63 6.74 0.27
C PHE A 222 5.32 6.83 1.75
N ALA A 223 5.70 5.79 2.48
CA ALA A 223 5.47 5.75 3.93
C ALA A 223 6.81 5.85 4.62
N TRP A 224 6.85 6.65 5.69
CA TRP A 224 8.07 6.81 6.47
C TRP A 224 7.83 6.87 7.97
N LEU A 225 8.61 6.13 8.73
CA LEU A 225 8.45 6.13 10.18
C LEU A 225 9.79 6.13 10.88
N ASP A 226 9.83 6.67 12.10
CA ASP A 226 11.06 6.69 12.88
C ASP A 226 10.76 5.97 14.19
N THR A 227 10.83 4.66 14.15
CA THR A 227 10.53 3.84 15.30
C THR A 227 11.49 4.00 16.49
N GLY A 228 11.15 4.89 17.40
CA GLY A 228 11.99 5.10 18.54
C GLY A 228 11.22 5.40 19.81
N THR A 229 9.91 5.23 19.74
CA THR A 229 9.06 5.46 20.91
C THR A 229 8.13 4.27 20.99
N HIS A 230 7.59 3.99 22.18
CA HIS A 230 6.70 2.85 22.34
C HIS A 230 5.55 2.87 21.33
N ASP A 231 4.88 4.01 21.17
CA ASP A 231 3.78 4.12 20.22
C ASP A 231 4.13 4.01 18.74
N SER A 232 5.26 4.57 18.33
CA SER A 232 5.61 4.48 16.91
C SER A 232 6.08 3.07 16.56
N LEU A 233 6.58 2.35 17.56
CA LEU A 233 7.02 0.99 17.36
C LEU A 233 5.78 0.18 17.02
N ILE A 234 4.66 0.45 17.70
CA ILE A 234 3.42 -0.28 17.43
C ILE A 234 2.80 0.10 16.08
N GLU A 235 2.83 1.38 15.73
CA GLU A 235 2.27 1.85 14.48
C GLU A 235 2.98 1.16 13.34
N ALA A 236 4.30 1.06 13.46
CA ALA A 236 5.15 0.44 12.44
C ALA A 236 4.78 -0.99 12.25
N SER A 237 4.75 -1.74 13.34
CA SER A 237 4.38 -3.14 13.26
C SER A 237 3.04 -3.31 12.59
N THR A 238 2.03 -2.61 13.12
CA THR A 238 0.67 -2.74 12.63
C THR A 238 0.55 -2.41 11.14
N PHE A 239 1.41 -1.50 10.69
CA PHE A 239 1.39 -1.08 9.30
C PHE A 239 1.88 -2.17 8.41
N VAL A 240 3.06 -2.66 8.71
CA VAL A 240 3.65 -3.70 7.92
C VAL A 240 2.75 -4.93 7.93
N GLN A 241 2.18 -5.27 9.08
CA GLN A 241 1.32 -6.43 9.14
C GLN A 241 0.09 -6.22 8.25
N THR A 242 -0.46 -5.02 8.29
CA THR A 242 -1.63 -4.74 7.51
C THR A 242 -1.44 -4.84 6.02
N VAL A 243 -0.40 -4.21 5.48
CA VAL A 243 -0.22 -4.25 4.05
C VAL A 243 0.31 -5.60 3.61
N GLU A 244 1.06 -6.26 4.46
CA GLU A 244 1.55 -7.56 4.04
C GLU A 244 0.42 -8.58 3.91
N LYS A 245 -0.50 -8.56 4.85
CA LYS A 245 -1.60 -9.49 4.81
C LYS A 245 -2.71 -9.02 3.88
N ARG A 246 -2.91 -7.72 3.84
CA ARG A 246 -3.96 -7.19 3.00
C ARG A 246 -3.57 -7.21 1.52
N GLN A 247 -2.36 -6.74 1.20
CA GLN A 247 -1.93 -6.65 -0.18
C GLN A 247 -1.00 -7.72 -0.73
N GLY A 248 -0.75 -8.77 0.03
CA GLY A 248 0.06 -9.85 -0.49
C GLY A 248 1.54 -9.77 -0.79
N PHE A 249 2.27 -8.75 -0.35
CA PHE A 249 3.72 -8.78 -0.59
C PHE A 249 4.42 -8.56 0.75
N LYS A 250 5.71 -8.87 0.82
CA LYS A 250 6.44 -8.71 2.06
C LYS A 250 7.37 -7.50 2.01
N ILE A 251 7.43 -6.74 3.08
CA ILE A 251 8.30 -5.58 3.11
C ILE A 251 9.61 -5.97 3.79
N ALA A 252 10.72 -5.56 3.21
CA ALA A 252 12.04 -5.85 3.77
C ALA A 252 12.34 -7.34 3.89
N CYS A 253 12.04 -8.10 2.85
CA CYS A 253 12.31 -9.53 2.82
C CYS A 253 13.64 -9.63 2.08
N LEU A 254 14.72 -9.66 2.85
CA LEU A 254 16.06 -9.68 2.29
C LEU A 254 16.37 -10.76 1.25
N GLU A 255 16.11 -12.01 1.56
CA GLU A 255 16.42 -13.04 0.59
C GLU A 255 15.73 -12.73 -0.73
N GLU A 256 14.49 -12.25 -0.68
CA GLU A 256 13.78 -11.93 -1.92
C GLU A 256 14.41 -10.75 -2.67
N ILE A 257 14.92 -9.75 -1.96
CA ILE A 257 15.54 -8.61 -2.62
C ILE A 257 16.84 -9.09 -3.28
N ALA A 258 17.59 -9.92 -2.58
CA ALA A 258 18.83 -10.45 -3.14
C ALA A 258 18.51 -11.24 -4.38
N TRP A 259 17.59 -12.17 -4.27
CA TRP A 259 17.22 -13.01 -5.38
C TRP A 259 17.05 -12.25 -6.68
N ARG A 260 16.12 -11.32 -6.69
CA ARG A 260 15.85 -10.54 -7.89
C ARG A 260 17.06 -9.74 -8.36
N ASN A 261 17.92 -9.36 -7.41
CA ASN A 261 19.11 -8.58 -7.72
C ASN A 261 20.20 -9.48 -8.24
N GLY A 262 19.86 -10.76 -8.37
CA GLY A 262 20.82 -11.72 -8.86
C GLY A 262 21.90 -11.97 -7.84
N TRP A 263 21.71 -11.52 -6.62
CA TRP A 263 22.69 -11.71 -5.56
C TRP A 263 22.73 -13.13 -5.00
N LEU A 264 21.61 -13.83 -5.09
CA LEU A 264 21.58 -15.22 -4.69
C LEU A 264 20.64 -16.04 -5.55
N ASP A 265 21.10 -17.24 -5.89
CA ASP A 265 20.39 -18.17 -6.74
C ASP A 265 19.22 -18.86 -6.04
N ASP A 266 18.31 -19.39 -6.85
CA ASP A 266 17.13 -20.10 -6.36
C ASP A 266 17.52 -21.09 -5.26
N GLU A 267 18.67 -21.71 -5.43
CA GLU A 267 19.16 -22.68 -4.49
C GLU A 267 19.30 -22.01 -3.12
N GLY A 268 19.85 -20.80 -3.13
CA GLY A 268 20.03 -20.05 -1.90
C GLY A 268 18.72 -19.69 -1.23
N VAL A 269 17.75 -19.24 -2.02
CA VAL A 269 16.45 -18.86 -1.49
C VAL A 269 15.74 -20.08 -0.91
N LYS A 270 15.97 -21.24 -1.50
CA LYS A 270 15.35 -22.44 -1.01
C LYS A 270 15.90 -22.86 0.35
N ARG A 271 17.19 -22.67 0.59
CA ARG A 271 17.78 -23.06 1.88
C ARG A 271 17.17 -22.19 2.98
N ALA A 272 16.95 -20.92 2.66
CA ALA A 272 16.38 -19.95 3.57
C ALA A 272 14.93 -20.31 3.90
N ALA A 273 14.09 -20.34 2.86
CA ALA A 273 12.67 -20.67 3.01
C ALA A 273 12.46 -21.95 3.80
N SER A 274 13.43 -22.85 3.70
CA SER A 274 13.34 -24.10 4.43
C SER A 274 13.49 -23.90 5.91
N SER A 275 14.57 -23.25 6.31
CA SER A 275 14.84 -23.01 7.72
C SER A 275 13.84 -22.06 8.35
N LEU A 276 12.90 -21.54 7.56
CA LEU A 276 11.86 -20.64 8.06
C LEU A 276 10.48 -21.20 7.73
N ALA A 277 10.47 -22.36 7.07
CA ALA A 277 9.26 -23.07 6.65
C ALA A 277 8.07 -23.02 7.62
N LYS A 278 8.35 -23.10 8.91
CA LYS A 278 7.29 -23.09 9.94
C LYS A 278 6.71 -21.67 10.11
N THR A 279 7.28 -20.75 9.36
CA THR A 279 6.95 -19.33 9.41
C THR A 279 6.28 -18.74 8.15
N GLY A 280 5.45 -17.72 8.34
CA GLY A 280 4.78 -17.08 7.21
C GLY A 280 5.79 -16.45 6.28
N TYR A 281 6.94 -16.12 6.82
CA TYR A 281 8.03 -15.53 6.06
C TYR A 281 8.58 -16.63 5.14
N GLY A 282 8.65 -17.86 5.64
CA GLY A 282 9.17 -18.97 4.86
C GLY A 282 8.28 -19.43 3.72
N GLN A 283 6.97 -19.50 3.96
CA GLN A 283 6.06 -19.91 2.92
C GLN A 283 6.05 -18.89 1.79
N TYR A 284 6.15 -17.62 2.18
CA TYR A 284 6.18 -16.53 1.22
C TYR A 284 7.35 -16.78 0.28
N LEU A 285 8.44 -17.30 0.85
CA LEU A 285 9.63 -17.61 0.07
C LEU A 285 9.45 -18.85 -0.83
N LEU A 286 8.77 -19.88 -0.32
CA LEU A 286 8.51 -21.09 -1.10
C LEU A 286 7.65 -20.73 -2.29
N GLU A 287 6.64 -19.89 -2.04
CA GLU A 287 5.72 -19.44 -3.07
C GLU A 287 6.38 -18.68 -4.19
N LEU A 288 7.47 -17.97 -3.92
CA LEU A 288 8.12 -17.23 -4.99
C LEU A 288 8.86 -18.21 -5.88
N LEU A 289 9.00 -19.45 -5.41
CA LEU A 289 9.69 -20.44 -6.19
C LEU A 289 8.79 -21.14 -7.20
N ARG A 290 7.97 -20.37 -7.90
CA ARG A 290 7.06 -20.87 -8.95
C ARG A 290 6.30 -19.75 -9.67
N ALA A 291 5.06 -20.03 -10.09
CA ALA A 291 4.23 -19.05 -10.83
C ALA A 291 2.78 -19.53 -10.98
N ARG A 292 1.91 -18.65 -11.49
CA ARG A 292 0.48 -18.95 -11.69
C ARG A 292 0.05 -18.78 -13.17
N PRO A 293 -1.18 -19.25 -13.53
CA PRO A 293 -1.67 -19.11 -14.93
C PRO A 293 -2.04 -17.68 -15.33
N HIS B 3 -18.59 3.12 -25.08
CA HIS B 3 -19.48 3.50 -23.96
C HIS B 3 -20.22 2.29 -23.39
N LYS B 5 -22.35 0.54 -19.60
CA LYS B 5 -23.14 0.89 -18.42
C LYS B 5 -22.77 0.07 -17.18
N GLY B 6 -23.02 0.63 -16.00
CA GLY B 6 -22.69 -0.09 -14.79
C GLY B 6 -23.85 -0.20 -13.83
N ILE B 7 -23.87 -1.29 -13.06
CA ILE B 7 -24.91 -1.52 -12.06
C ILE B 7 -24.26 -1.83 -10.74
N ILE B 8 -24.88 -1.43 -9.64
CA ILE B 8 -24.37 -1.72 -8.32
C ILE B 8 -25.47 -2.30 -7.47
N LEU B 9 -25.32 -3.56 -7.04
CA LEU B 9 -26.27 -4.21 -6.16
C LEU B 9 -26.00 -3.65 -4.76
N ALA B 10 -26.94 -2.87 -4.24
CA ALA B 10 -26.78 -2.26 -2.92
C ALA B 10 -27.97 -2.57 -2.02
N GLY B 11 -28.59 -3.73 -2.24
CA GLY B 11 -29.73 -4.12 -1.44
C GLY B 11 -29.31 -5.19 -0.45
N GLY B 12 -30.09 -6.29 -0.43
CA GLY B 12 -29.81 -7.39 0.44
C GLY B 12 -30.26 -7.15 1.87
N SER B 13 -30.32 -8.23 2.64
CA SER B 13 -30.76 -8.18 4.03
C SER B 13 -29.63 -8.03 4.99
N GLY B 14 -28.40 -8.22 4.48
CA GLY B 14 -27.21 -8.14 5.31
C GLY B 14 -27.36 -8.78 6.68
N THR B 15 -27.86 -10.01 6.74
CA THR B 15 -28.07 -10.67 8.03
C THR B 15 -26.84 -10.94 8.89
N ARG B 16 -25.68 -11.16 8.27
CA ARG B 16 -24.46 -11.43 9.02
C ARG B 16 -23.92 -10.30 9.86
N LEU B 17 -24.45 -9.09 9.69
CA LEU B 17 -24.04 -7.91 10.48
C LEU B 17 -25.27 -7.53 11.33
N HIS B 18 -26.16 -8.50 11.55
CA HIS B 18 -27.44 -8.24 12.14
C HIS B 18 -27.84 -7.34 13.25
N PRO B 19 -27.25 -7.43 14.44
CA PRO B 19 -27.93 -6.40 15.24
C PRO B 19 -28.04 -5.02 14.46
N ILE B 20 -26.94 -4.61 13.81
CA ILE B 20 -26.84 -3.35 13.06
C ILE B 20 -27.73 -3.16 11.83
N THR B 21 -27.64 -4.08 10.87
CA THR B 21 -28.40 -3.97 9.63
C THR B 21 -29.89 -4.12 9.79
N ARG B 22 -30.35 -4.18 11.04
CA ARG B 22 -31.78 -4.27 11.33
C ARG B 22 -32.32 -2.85 11.17
N GLY B 23 -31.42 -1.88 11.14
CA GLY B 23 -31.83 -0.50 11.00
C GLY B 23 -31.45 0.14 9.69
N VAL B 24 -30.17 0.12 9.37
CA VAL B 24 -29.64 0.72 8.16
C VAL B 24 -29.03 -0.28 7.21
N SER B 25 -29.12 0.00 5.93
CA SER B 25 -28.53 -0.89 4.95
C SER B 25 -27.02 -1.01 5.13
N LYS B 26 -26.51 -2.21 4.89
CA LYS B 26 -25.08 -2.50 5.00
C LYS B 26 -24.23 -1.56 4.18
N GLN B 27 -24.71 -1.22 2.99
CA GLN B 27 -23.99 -0.36 2.07
C GLN B 27 -23.94 1.10 2.49
N LEU B 28 -24.58 1.44 3.59
CA LEU B 28 -24.50 2.81 4.04
C LEU B 28 -23.53 2.86 5.20
N LEU B 29 -23.09 1.70 5.67
CA LEU B 29 -22.17 1.67 6.82
C LEU B 29 -20.82 2.24 6.45
N PRO B 30 -20.05 2.68 7.45
CA PRO B 30 -18.74 3.22 7.10
C PRO B 30 -17.51 2.31 7.03
N ILE B 31 -16.71 2.56 6.01
CA ILE B 31 -15.42 1.91 5.83
C ILE B 31 -14.55 3.15 6.11
N TYR B 32 -14.12 3.28 7.34
CA TYR B 32 -13.35 4.42 7.77
C TYR B 32 -14.07 5.75 7.71
N ASP B 33 -13.78 6.57 6.71
CA ASP B 33 -14.40 7.89 6.65
C ASP B 33 -15.38 8.07 5.53
N LYS B 34 -15.63 6.99 4.78
CA LYS B 34 -16.55 7.06 3.65
C LYS B 34 -17.62 5.97 3.72
N PRO B 35 -18.84 6.25 3.24
CA PRO B 35 -19.94 5.29 3.24
C PRO B 35 -19.48 4.09 2.41
N ILE B 37 -20.78 2.27 0.14
CA ILE B 37 -21.05 2.33 -1.29
C ILE B 37 -20.07 3.15 -2.13
N TYR B 38 -19.35 4.05 -1.46
CA TYR B 38 -18.37 4.90 -2.11
C TYR B 38 -17.32 4.07 -2.80
N TYR B 39 -17.06 2.89 -2.24
CA TYR B 39 -16.05 1.98 -2.77
C TYR B 39 -16.44 1.25 -4.05
N PRO B 40 -17.51 0.45 -4.04
CA PRO B 40 -17.81 -0.18 -5.34
C PRO B 40 -17.97 0.89 -6.47
N LEU B 41 -18.58 2.03 -6.15
CA LEU B 41 -18.81 3.10 -7.09
C LEU B 41 -17.49 3.57 -7.72
N SER B 42 -16.49 3.84 -6.89
CA SER B 42 -15.18 4.34 -7.38
C SER B 42 -14.59 3.41 -8.41
N VAL B 43 -14.87 2.13 -8.26
CA VAL B 43 -14.37 1.12 -9.18
C VAL B 43 -14.94 1.42 -10.55
N LEU B 44 -16.27 1.50 -10.64
CA LEU B 44 -16.95 1.81 -11.90
C LEU B 44 -16.37 3.08 -12.48
N LEU B 46 -13.39 4.30 -11.98
CA LEU B 46 -12.02 4.08 -12.42
C LEU B 46 -12.08 3.30 -13.73
N ALA B 47 -13.21 2.66 -14.01
CA ALA B 47 -13.36 1.91 -15.25
C ALA B 47 -13.89 2.84 -16.32
N GLY B 48 -14.12 4.10 -15.94
CA GLY B 48 -14.62 5.09 -16.87
C GLY B 48 -16.09 5.03 -17.19
N ILE B 49 -16.90 4.49 -16.28
CA ILE B 49 -18.34 4.37 -16.50
C ILE B 49 -19.13 5.44 -15.79
N ARG B 50 -19.90 6.23 -16.55
CA ARG B 50 -20.68 7.34 -15.96
C ARG B 50 -22.16 7.11 -15.73
N GLU B 51 -22.74 6.17 -16.47
CA GLU B 51 -24.15 5.86 -16.31
C GLU B 51 -24.19 4.66 -15.39
N ILE B 52 -24.70 4.87 -14.17
CA ILE B 52 -24.77 3.84 -13.15
C ILE B 52 -26.12 3.71 -12.46
N LEU B 53 -26.66 2.50 -12.49
CA LEU B 53 -27.94 2.22 -11.85
C LEU B 53 -27.62 1.60 -10.50
N ILE B 54 -28.22 2.13 -9.44
CA ILE B 54 -28.01 1.59 -8.10
C ILE B 54 -29.29 0.89 -7.71
N ILE B 55 -29.20 -0.40 -7.43
CA ILE B 55 -30.37 -1.16 -7.01
C ILE B 55 -30.33 -1.32 -5.50
N THR B 56 -31.39 -0.87 -4.85
CA THR B 56 -31.51 -0.89 -3.41
C THR B 56 -32.86 -1.42 -2.97
N THR B 57 -33.06 -1.58 -1.67
CA THR B 57 -34.35 -2.02 -1.17
C THR B 57 -35.29 -0.82 -1.17
N PRO B 58 -36.62 -1.06 -1.06
CA PRO B 58 -37.55 0.07 -1.05
C PRO B 58 -37.38 0.96 0.16
N GLU B 59 -36.97 0.36 1.27
CA GLU B 59 -36.78 1.08 2.52
C GLU B 59 -35.55 1.96 2.56
N ASP B 60 -34.45 1.52 1.98
CA ASP B 60 -33.23 2.31 2.04
C ASP B 60 -33.06 3.40 0.98
N LYS B 61 -33.76 3.26 -0.14
CA LYS B 61 -33.70 4.21 -1.27
C LYS B 61 -33.42 5.68 -0.97
N GLY B 62 -34.34 6.31 -0.25
CA GLY B 62 -34.23 7.71 0.08
C GLY B 62 -32.97 8.04 0.83
N TYR B 63 -32.43 7.07 1.56
CA TYR B 63 -31.19 7.32 2.28
C TYR B 63 -30.05 7.42 1.27
N PHE B 64 -30.10 6.58 0.23
CA PHE B 64 -29.08 6.64 -0.79
C PHE B 64 -29.18 7.91 -1.59
N GLN B 65 -30.40 8.27 -1.96
CA GLN B 65 -30.62 9.48 -2.72
C GLN B 65 -30.18 10.66 -1.89
N ARG B 66 -30.53 10.62 -0.62
CA ARG B 66 -30.19 11.68 0.33
C ARG B 66 -28.66 11.86 0.42
N LEU B 67 -27.93 10.77 0.20
CA LEU B 67 -26.47 10.78 0.27
C LEU B 67 -25.77 10.96 -1.08
N LEU B 68 -26.37 10.45 -2.14
CA LEU B 68 -25.74 10.55 -3.46
C LEU B 68 -26.43 11.45 -4.50
N GLY B 69 -27.72 11.74 -4.30
CA GLY B 69 -28.42 12.60 -5.23
C GLY B 69 -28.41 12.02 -6.62
N ASP B 70 -28.42 12.86 -7.64
CA ASP B 70 -28.42 12.36 -9.01
C ASP B 70 -27.02 12.03 -9.47
N GLY B 71 -26.03 12.22 -8.60
CA GLY B 71 -24.65 11.92 -8.95
C GLY B 71 -23.91 13.06 -9.66
N SER B 72 -24.62 14.15 -9.91
CA SER B 72 -24.06 15.29 -10.59
C SER B 72 -22.90 15.87 -9.77
N GLU B 73 -22.94 15.65 -8.46
CA GLU B 73 -21.86 16.16 -7.59
C GLU B 73 -20.52 15.45 -7.84
N PHE B 74 -20.57 14.32 -8.51
CA PHE B 74 -19.37 13.54 -8.79
C PHE B 74 -19.23 13.44 -10.29
N GLY B 75 -20.04 14.22 -10.99
CA GLY B 75 -20.00 14.20 -12.43
C GLY B 75 -20.32 12.83 -13.01
N ILE B 76 -21.46 12.27 -12.64
CA ILE B 76 -21.86 10.97 -13.12
C ILE B 76 -23.36 10.99 -13.12
N GLN B 77 -23.96 10.14 -13.94
CA GLN B 77 -25.42 10.07 -14.05
C GLN B 77 -25.97 8.85 -13.29
N LEU B 78 -26.51 9.09 -12.10
CA LEU B 78 -27.06 8.02 -11.28
C LEU B 78 -28.56 7.78 -11.43
N GLU B 79 -28.94 6.52 -11.57
CA GLU B 79 -30.36 6.18 -11.66
C GLU B 79 -30.60 5.18 -10.54
N TYR B 80 -31.82 5.15 -10.00
CA TYR B 80 -32.12 4.23 -8.93
C TYR B 80 -33.26 3.30 -9.34
N ALA B 81 -33.29 2.13 -8.72
CA ALA B 81 -34.31 1.12 -8.98
C ALA B 81 -34.45 0.28 -7.70
N GLU B 82 -35.67 -0.15 -7.39
CA GLU B 82 -35.93 -0.94 -6.18
C GLU B 82 -36.08 -2.43 -6.40
N GLN B 83 -35.42 -3.22 -5.55
CA GLN B 83 -35.53 -4.68 -5.58
C GLN B 83 -36.43 -5.02 -4.35
N PRO B 84 -37.75 -5.19 -4.57
CA PRO B 84 -38.82 -5.49 -3.61
C PRO B 84 -38.41 -6.43 -2.52
N SER B 85 -37.82 -7.56 -2.90
CA SER B 85 -37.37 -8.57 -1.98
C SER B 85 -36.03 -9.12 -2.46
N PRO B 86 -35.10 -9.44 -1.53
CA PRO B 86 -33.75 -9.95 -1.87
C PRO B 86 -33.73 -11.34 -2.48
N ASP B 87 -34.16 -11.43 -3.73
CA ASP B 87 -34.23 -12.73 -4.41
C ASP B 87 -32.97 -13.24 -5.13
N GLY B 88 -31.81 -12.64 -4.88
CA GLY B 88 -30.61 -13.13 -5.55
C GLY B 88 -29.95 -12.08 -6.40
N LEU B 89 -28.71 -12.32 -6.83
CA LEU B 89 -27.95 -11.35 -7.62
C LEU B 89 -28.26 -11.30 -9.11
N ALA B 90 -28.50 -12.44 -9.72
CA ALA B 90 -28.82 -12.52 -11.14
C ALA B 90 -29.99 -11.57 -11.50
N GLN B 91 -30.87 -11.38 -10.53
CA GLN B 91 -32.07 -10.56 -10.67
C GLN B 91 -31.79 -9.11 -11.04
N ALA B 92 -30.55 -8.68 -10.88
CA ALA B 92 -30.15 -7.31 -11.19
C ALA B 92 -30.37 -7.01 -12.65
N PHE B 93 -30.08 -7.98 -13.51
CA PHE B 93 -30.26 -7.81 -14.95
C PHE B 93 -31.71 -7.79 -15.34
N ILE B 94 -32.54 -8.57 -14.64
CA ILE B 94 -33.97 -8.56 -14.90
C ILE B 94 -34.41 -7.15 -14.52
N ILE B 95 -34.30 -6.83 -13.24
CA ILE B 95 -34.67 -5.50 -12.75
C ILE B 95 -34.05 -4.40 -13.59
N GLY B 96 -32.82 -4.61 -14.07
CA GLY B 96 -32.17 -3.57 -14.82
C GLY B 96 -32.26 -3.65 -16.32
N GLU B 97 -33.21 -4.43 -16.84
CA GLU B 97 -33.34 -4.57 -18.28
C GLU B 97 -33.54 -3.20 -18.97
N THR B 98 -34.70 -2.60 -18.76
CA THR B 98 -35.02 -1.32 -19.35
C THR B 98 -33.85 -0.33 -19.25
N PHE B 99 -33.04 -0.43 -18.21
CA PHE B 99 -31.90 0.47 -18.04
C PHE B 99 -30.72 0.16 -18.97
N LEU B 100 -30.28 -1.09 -18.93
CA LEU B 100 -29.15 -1.55 -19.75
C LEU B 100 -29.47 -1.35 -21.20
N ASN B 101 -30.75 -1.53 -21.51
CA ASN B 101 -31.24 -1.47 -22.88
C ASN B 101 -30.56 -2.67 -23.51
N GLY B 102 -29.76 -2.46 -24.55
CA GLY B 102 -29.13 -3.63 -25.14
C GLY B 102 -27.63 -3.60 -25.00
N GLU B 103 -27.14 -2.57 -24.33
CA GLU B 103 -25.71 -2.40 -24.18
C GLU B 103 -25.00 -3.32 -23.20
N PRO B 104 -23.66 -3.32 -23.26
CA PRO B 104 -22.83 -4.15 -22.38
C PRO B 104 -22.80 -3.52 -21.01
N SER B 105 -22.46 -4.32 -20.01
CA SER B 105 -22.45 -3.83 -18.65
C SER B 105 -21.33 -4.26 -17.70
N CYS B 106 -21.39 -3.67 -16.51
CA CYS B 106 -20.47 -3.94 -15.43
C CYS B 106 -21.19 -3.96 -14.07
N LEU B 107 -21.22 -5.13 -13.44
CA LEU B 107 -21.85 -5.31 -12.13
C LEU B 107 -20.80 -5.37 -11.03
N VAL B 108 -21.05 -4.61 -9.97
CA VAL B 108 -20.15 -4.59 -8.85
C VAL B 108 -20.99 -4.75 -7.58
N LEU B 109 -20.66 -5.74 -6.79
CA LEU B 109 -21.39 -5.97 -5.56
C LEU B 109 -21.13 -4.79 -4.66
N GLY B 110 -22.14 -4.45 -3.87
CA GLY B 110 -22.01 -3.32 -2.99
C GLY B 110 -21.09 -3.46 -1.79
N ASP B 111 -20.79 -4.68 -1.35
CA ASP B 111 -19.94 -4.87 -0.16
C ASP B 111 -18.49 -5.26 -0.46
N ASN B 112 -18.04 -4.91 -1.67
CA ASN B 112 -16.70 -5.22 -2.09
C ASN B 112 -15.75 -4.02 -2.10
N ILE B 113 -14.56 -4.19 -1.50
CA ILE B 113 -13.55 -3.14 -1.49
C ILE B 113 -12.39 -3.64 -2.34
N PHE B 114 -11.97 -2.86 -3.32
CA PHE B 114 -10.87 -3.23 -4.20
C PHE B 114 -9.81 -2.14 -4.15
N PHE B 115 -8.55 -2.53 -4.19
CA PHE B 115 -7.48 -1.55 -4.18
C PHE B 115 -6.11 -2.06 -4.53
N GLY B 116 -5.50 -1.43 -5.52
CA GLY B 116 -4.15 -1.81 -5.89
C GLY B 116 -3.59 -0.75 -6.80
N GLN B 117 -2.29 -0.79 -7.05
CA GLN B 117 -1.66 0.14 -7.98
C GLN B 117 -1.89 -0.40 -9.41
N GLY B 118 -2.08 0.51 -10.36
CA GLY B 118 -2.29 0.11 -11.75
C GLY B 118 -3.63 -0.53 -12.01
N PHE B 119 -4.50 -0.55 -11.00
CA PHE B 119 -5.83 -1.15 -11.13
C PHE B 119 -6.63 -0.63 -12.35
N SER B 120 -6.81 0.69 -12.43
CA SER B 120 -7.58 1.30 -13.51
C SER B 120 -7.24 0.87 -14.92
N PRO B 121 -5.96 0.98 -15.28
CA PRO B 121 -5.54 0.58 -16.62
C PRO B 121 -6.05 -0.82 -16.88
N LYS B 122 -5.97 -1.64 -15.84
CA LYS B 122 -6.40 -3.00 -15.95
C LYS B 122 -7.90 -3.07 -16.17
N LEU B 123 -8.62 -2.09 -15.65
CA LEU B 123 -10.07 -2.05 -15.78
C LEU B 123 -10.48 -1.64 -17.17
N ARG B 124 -9.82 -0.59 -17.68
CA ARG B 124 -10.08 -0.06 -19.01
C ARG B 124 -9.85 -1.17 -20.03
N HIS B 125 -8.72 -1.83 -19.92
CA HIS B 125 -8.46 -2.90 -20.85
C HIS B 125 -9.58 -3.94 -20.86
N VAL B 126 -9.97 -4.40 -19.66
CA VAL B 126 -11.03 -5.41 -19.48
C VAL B 126 -12.37 -4.83 -19.88
N ALA B 127 -12.45 -3.51 -19.92
CA ALA B 127 -13.66 -2.80 -20.27
C ALA B 127 -13.79 -2.61 -21.76
N ALA B 128 -12.66 -2.40 -22.42
CA ALA B 128 -12.62 -2.21 -23.87
C ALA B 128 -13.14 -3.41 -24.64
N ARG B 129 -13.32 -4.53 -23.96
CA ARG B 129 -13.83 -5.73 -24.62
C ARG B 129 -15.35 -5.59 -24.89
N THR B 130 -15.77 -6.06 -26.05
CA THR B 130 -17.19 -6.04 -26.42
C THR B 130 -17.40 -7.45 -26.95
N GLU B 131 -17.77 -8.38 -26.07
CA GLU B 131 -17.97 -9.76 -26.49
C GLU B 131 -17.36 -10.75 -25.50
N GLY B 132 -18.21 -11.52 -24.81
CA GLY B 132 -17.77 -12.51 -23.83
C GLY B 132 -18.28 -12.21 -22.41
N ALA B 133 -17.44 -12.42 -21.41
CA ALA B 133 -17.77 -12.14 -20.00
C ALA B 133 -16.42 -12.04 -19.28
N THR B 134 -16.36 -11.29 -18.20
CA THR B 134 -15.09 -11.14 -17.49
C THR B 134 -15.20 -11.06 -15.97
N VAL B 135 -14.59 -12.04 -15.32
CA VAL B 135 -14.58 -12.14 -13.87
C VAL B 135 -13.16 -12.04 -13.35
N PHE B 136 -13.01 -11.50 -12.14
CA PHE B 136 -11.71 -11.37 -11.51
C PHE B 136 -11.51 -12.33 -10.33
N GLY B 137 -10.33 -12.94 -10.26
CA GLY B 137 -10.00 -13.86 -9.19
C GLY B 137 -9.03 -13.20 -8.23
N TYR B 138 -9.00 -13.70 -7.01
CA TYR B 138 -8.12 -13.19 -5.98
C TYR B 138 -7.84 -14.41 -5.12
N GLN B 139 -6.58 -14.70 -4.84
CA GLN B 139 -6.25 -15.89 -4.01
C GLN B 139 -6.70 -15.79 -2.55
N VAL B 140 -7.80 -16.45 -2.22
CA VAL B 140 -8.32 -16.46 -0.86
C VAL B 140 -7.60 -17.56 -0.10
N ASP B 142 -9.56 -19.07 2.28
CA ASP B 142 -10.81 -19.77 2.62
C ASP B 142 -11.54 -20.14 1.28
N PRO B 143 -11.01 -21.10 0.50
CA PRO B 143 -11.74 -21.40 -0.74
C PRO B 143 -13.15 -21.91 -0.52
N GLU B 144 -13.32 -22.79 0.47
CA GLU B 144 -14.65 -23.33 0.75
C GLU B 144 -15.63 -22.16 0.73
N ARG B 145 -15.44 -21.22 1.66
CA ARG B 145 -16.29 -20.03 1.83
C ARG B 145 -16.37 -19.06 0.63
N PHE B 146 -15.86 -19.45 -0.53
CA PHE B 146 -15.91 -18.57 -1.69
C PHE B 146 -16.19 -19.34 -2.98
N GLY B 147 -16.70 -18.64 -3.99
CA GLY B 147 -16.93 -19.25 -5.28
C GLY B 147 -15.53 -19.27 -5.84
N VAL B 148 -15.11 -20.40 -6.42
CA VAL B 148 -13.75 -20.52 -6.95
C VAL B 148 -13.67 -20.82 -8.46
N VAL B 149 -12.61 -20.33 -9.10
CA VAL B 149 -12.43 -20.54 -10.52
C VAL B 149 -11.17 -21.34 -10.88
N GLU B 150 -11.36 -22.51 -11.44
CA GLU B 150 -10.20 -23.25 -11.88
C GLU B 150 -10.13 -22.88 -13.34
N PHE B 151 -8.91 -22.68 -13.85
CA PHE B 151 -8.72 -22.29 -15.25
C PHE B 151 -7.41 -22.88 -15.79
N ASP B 152 -7.03 -22.48 -17.01
CA ASP B 152 -5.79 -22.94 -17.65
C ASP B 152 -5.30 -22.00 -18.74
N ASP B 153 -4.00 -21.69 -18.74
CA ASP B 153 -3.33 -20.81 -19.71
C ASP B 153 -4.26 -19.82 -20.38
N ASN B 154 -4.18 -18.56 -19.96
CA ASN B 154 -5.06 -17.56 -20.50
C ASN B 154 -6.28 -17.57 -19.61
N PHE B 155 -6.38 -18.63 -18.80
CA PHE B 155 -7.50 -18.77 -17.88
C PHE B 155 -8.71 -19.56 -18.38
N ARG B 156 -9.67 -18.88 -19.02
CA ARG B 156 -10.87 -19.54 -19.50
C ARG B 156 -11.66 -20.11 -18.33
N ALA B 157 -11.01 -20.94 -17.54
CA ALA B 157 -11.73 -21.51 -16.44
C ALA B 157 -12.35 -22.80 -16.92
N ILE B 158 -11.77 -23.91 -16.51
CA ILE B 158 -12.29 -25.19 -16.89
C ILE B 158 -13.56 -25.37 -16.07
N SER B 159 -13.50 -24.95 -14.80
CA SER B 159 -14.62 -25.12 -13.88
C SER B 159 -14.92 -23.91 -13.00
N LEU B 160 -16.02 -23.98 -12.27
CA LEU B 160 -16.40 -22.94 -11.33
C LEU B 160 -17.29 -23.65 -10.36
N GLU B 161 -16.72 -24.13 -9.27
CA GLU B 161 -17.51 -24.81 -8.24
C GLU B 161 -17.85 -23.77 -7.14
N GLU B 162 -19.10 -23.75 -6.66
CA GLU B 162 -19.49 -22.81 -5.58
C GLU B 162 -19.18 -23.40 -4.21
N LYS B 163 -18.67 -22.56 -3.31
CA LYS B 163 -18.27 -22.98 -1.96
C LYS B 163 -17.87 -24.46 -1.99
N PRO B 164 -17.00 -24.86 -2.92
CA PRO B 164 -16.56 -26.26 -3.06
C PRO B 164 -16.20 -27.00 -1.78
N LYS B 165 -17.21 -27.68 -1.19
CA LYS B 165 -17.04 -28.46 0.04
C LYS B 165 -15.74 -29.28 0.03
N GLN B 166 -14.98 -29.21 -1.07
CA GLN B 166 -13.76 -29.97 -1.11
C GLN B 166 -12.44 -29.35 -1.66
N PRO B 167 -12.24 -29.23 -3.00
CA PRO B 167 -10.95 -28.66 -3.48
C PRO B 167 -10.92 -27.47 -4.45
N LYS B 168 -10.61 -27.78 -5.71
CA LYS B 168 -10.57 -26.83 -6.82
C LYS B 168 -9.26 -26.11 -7.16
N SER B 169 -9.15 -24.91 -6.61
CA SER B 169 -7.99 -24.06 -6.79
C SER B 169 -8.17 -23.08 -5.65
N ASN B 170 -7.27 -22.13 -5.47
CA ASN B 170 -7.48 -21.18 -4.38
C ASN B 170 -7.87 -19.74 -4.79
N TRP B 171 -8.30 -19.57 -6.03
CA TRP B 171 -8.72 -18.24 -6.52
C TRP B 171 -10.22 -18.03 -6.39
N ALA B 172 -10.61 -17.06 -5.56
CA ALA B 172 -12.02 -16.75 -5.38
C ALA B 172 -12.44 -15.69 -6.43
N VAL B 173 -13.70 -15.77 -6.86
CA VAL B 173 -14.29 -14.86 -7.83
C VAL B 173 -14.80 -13.63 -7.09
N THR B 174 -14.19 -12.49 -7.39
CA THR B 174 -14.55 -11.26 -6.72
C THR B 174 -15.89 -10.72 -7.22
N GLY B 175 -16.44 -9.75 -6.47
CA GLY B 175 -17.73 -9.15 -6.82
C GLY B 175 -17.64 -8.05 -7.85
N LEU B 176 -16.91 -8.36 -8.91
CA LEU B 176 -16.68 -7.44 -10.02
C LEU B 176 -16.87 -8.27 -11.29
N TYR B 177 -17.83 -7.86 -12.12
CA TYR B 177 -18.10 -8.58 -13.35
C TYR B 177 -18.37 -7.68 -14.54
N PHE B 178 -18.04 -8.20 -15.72
CA PHE B 178 -18.28 -7.51 -16.98
C PHE B 178 -19.05 -8.42 -17.92
N TYR B 179 -20.16 -7.91 -18.44
CA TYR B 179 -20.99 -8.69 -19.34
C TYR B 179 -21.37 -7.95 -20.62
N ASP B 180 -21.88 -8.71 -21.57
CA ASP B 180 -22.35 -8.17 -22.83
C ASP B 180 -23.86 -8.40 -22.84
N SER B 181 -24.51 -8.00 -23.93
CA SER B 181 -25.96 -8.13 -24.10
C SER B 181 -26.54 -9.49 -23.78
N LYS B 182 -25.81 -10.57 -24.05
CA LYS B 182 -26.33 -11.90 -23.79
C LYS B 182 -26.67 -12.11 -22.31
N VAL B 183 -26.20 -11.18 -21.46
CA VAL B 183 -26.38 -11.26 -20.00
C VAL B 183 -27.80 -11.37 -19.43
N VAL B 184 -28.66 -10.47 -19.91
CA VAL B 184 -30.04 -10.41 -19.46
C VAL B 184 -30.79 -11.65 -19.94
N GLU B 185 -30.33 -12.17 -21.07
CA GLU B 185 -30.89 -13.36 -21.67
C GLU B 185 -30.63 -14.45 -20.61
N TYR B 186 -29.36 -14.64 -20.24
CA TYR B 186 -29.01 -15.68 -19.26
C TYR B 186 -29.78 -15.63 -17.94
N ALA B 187 -29.67 -14.52 -17.24
CA ALA B 187 -30.33 -14.32 -15.97
C ALA B 187 -31.77 -14.79 -15.94
N LYS B 188 -32.48 -14.70 -17.07
CA LYS B 188 -33.88 -15.10 -17.08
C LYS B 188 -34.04 -16.61 -16.96
N GLN B 189 -33.02 -17.35 -17.38
CA GLN B 189 -33.09 -18.80 -17.25
C GLN B 189 -32.28 -19.36 -16.07
N VAL B 190 -32.18 -18.60 -15.00
CA VAL B 190 -31.48 -19.07 -13.81
C VAL B 190 -32.57 -19.53 -12.85
N LYS B 191 -32.35 -20.66 -12.19
CA LYS B 191 -33.33 -21.14 -11.22
C LYS B 191 -32.70 -21.01 -9.84
N PRO B 192 -33.52 -20.89 -8.80
CA PRO B 192 -33.05 -20.74 -7.41
C PRO B 192 -32.11 -21.85 -6.89
N SER B 193 -30.98 -21.45 -6.31
CA SER B 193 -30.02 -22.40 -5.74
C SER B 193 -30.66 -23.16 -4.59
N GLU B 194 -29.87 -24.02 -3.96
CA GLU B 194 -30.37 -24.75 -2.80
C GLU B 194 -30.65 -23.68 -1.70
N ARG B 195 -29.85 -22.59 -1.71
CA ARG B 195 -29.96 -21.45 -0.78
C ARG B 195 -31.20 -20.60 -1.02
N GLY B 196 -31.86 -20.79 -2.16
CA GLY B 196 -33.07 -20.05 -2.45
C GLY B 196 -32.96 -18.71 -3.13
N GLU B 197 -31.78 -18.37 -3.63
CA GLU B 197 -31.60 -17.09 -4.27
C GLU B 197 -31.22 -17.40 -5.70
N LEU B 198 -31.29 -16.41 -6.60
CA LEU B 198 -30.88 -16.59 -7.99
C LEU B 198 -29.40 -16.18 -8.03
N GLU B 199 -28.50 -17.16 -8.03
CA GLU B 199 -27.05 -16.92 -8.00
C GLU B 199 -26.37 -16.36 -9.26
N ILE B 200 -25.42 -15.45 -9.06
CA ILE B 200 -24.71 -14.87 -10.19
C ILE B 200 -23.82 -15.95 -10.80
N THR B 201 -23.45 -16.94 -9.97
CA THR B 201 -22.59 -18.03 -10.42
C THR B 201 -23.22 -18.77 -11.57
N SER B 202 -24.53 -18.94 -11.51
CA SER B 202 -25.25 -19.60 -12.58
C SER B 202 -25.01 -18.84 -13.90
N ILE B 203 -25.22 -17.53 -13.89
CA ILE B 203 -25.02 -16.72 -15.10
C ILE B 203 -23.61 -16.94 -15.59
N ASN B 204 -22.71 -17.25 -14.68
CA ASN B 204 -21.33 -17.46 -15.05
C ASN B 204 -21.06 -18.83 -15.60
N GLN B 205 -21.75 -19.82 -15.07
CA GLN B 205 -21.61 -21.18 -15.54
C GLN B 205 -22.08 -21.24 -17.00
N TYR B 207 -21.60 -18.67 -19.38
CA TYR B 207 -20.56 -18.20 -20.29
C TYR B 207 -19.41 -19.20 -20.31
N LEU B 208 -19.31 -20.03 -19.26
CA LEU B 208 -18.23 -21.02 -19.19
C LEU B 208 -18.45 -21.97 -20.35
N GLU B 209 -19.57 -22.69 -20.30
CA GLU B 209 -19.94 -23.64 -21.34
C GLU B 209 -19.85 -22.99 -22.73
N ALA B 210 -20.53 -21.86 -22.94
CA ALA B 210 -20.45 -21.20 -24.23
C ALA B 210 -19.03 -20.88 -24.63
N GLY B 211 -18.09 -21.18 -23.74
CA GLY B 211 -16.68 -20.93 -24.00
C GLY B 211 -16.30 -19.46 -24.04
N ASN B 212 -17.26 -18.58 -23.73
CA ASN B 212 -16.98 -17.16 -23.76
C ASN B 212 -16.81 -16.56 -22.34
N LEU B 213 -15.91 -17.15 -21.55
CA LEU B 213 -15.68 -16.64 -20.18
C LEU B 213 -14.23 -16.41 -19.76
N THR B 214 -13.72 -15.22 -19.99
CA THR B 214 -12.34 -14.87 -19.62
C THR B 214 -12.12 -14.57 -18.11
N VAL B 215 -10.95 -14.90 -17.58
CA VAL B 215 -10.67 -14.60 -16.18
C VAL B 215 -9.55 -13.57 -15.97
N GLU B 216 -9.76 -12.61 -15.07
CA GLU B 216 -8.72 -11.61 -14.82
C GLU B 216 -8.17 -11.78 -13.40
N LEU B 217 -6.89 -12.10 -13.31
CA LEU B 217 -6.16 -12.31 -12.03
C LEU B 217 -5.80 -11.04 -11.31
N LEU B 218 -6.22 -10.94 -10.05
CA LEU B 218 -5.93 -9.78 -9.19
C LEU B 218 -4.69 -10.19 -8.45
N GLY B 219 -3.56 -9.81 -9.07
CA GLY B 219 -2.24 -10.16 -8.60
C GLY B 219 -1.85 -9.74 -7.20
N ARG B 220 -0.56 -9.82 -6.96
CA ARG B 220 -0.01 -9.50 -5.67
C ARG B 220 -0.29 -8.12 -5.05
N GLY B 221 0.15 -7.02 -5.65
CA GLY B 221 -0.13 -5.76 -4.95
C GLY B 221 -1.58 -5.33 -4.72
N PHE B 222 -2.57 -6.14 -5.08
CA PHE B 222 -3.97 -5.76 -4.91
C PHE B 222 -4.56 -6.32 -3.63
N ALA B 223 -5.44 -5.52 -3.02
CA ALA B 223 -6.12 -5.91 -1.80
C ALA B 223 -7.60 -6.12 -2.10
N TRP B 224 -8.23 -7.16 -1.55
CA TRP B 224 -9.64 -7.38 -1.81
C TRP B 224 -10.35 -7.81 -0.56
N LEU B 225 -11.51 -7.23 -0.29
CA LEU B 225 -12.28 -7.62 0.89
C LEU B 225 -13.76 -7.72 0.59
N ASP B 226 -14.47 -8.58 1.33
CA ASP B 226 -15.92 -8.70 1.17
C ASP B 226 -16.55 -8.34 2.52
N THR B 227 -16.71 -7.05 2.78
CA THR B 227 -17.27 -6.57 4.04
C THR B 227 -18.75 -6.95 4.33
N GLY B 228 -18.95 -8.05 5.04
CA GLY B 228 -20.30 -8.48 5.32
C GLY B 228 -20.43 -9.16 6.64
N THR B 229 -19.37 -9.11 7.42
CA THR B 229 -19.36 -9.69 8.77
C THR B 229 -18.83 -8.63 9.72
N HIS B 230 -19.12 -8.73 11.00
CA HIS B 230 -18.62 -7.72 11.93
C HIS B 230 -17.11 -7.55 11.87
N ASP B 231 -16.38 -8.66 11.87
CA ASP B 231 -14.92 -8.61 11.82
C ASP B 231 -14.32 -8.13 10.51
N SER B 232 -14.89 -8.50 9.37
CA SER B 232 -14.32 -8.04 8.12
C SER B 232 -14.60 -6.52 7.92
N LEU B 233 -15.67 -6.04 8.54
CA LEU B 233 -16.00 -4.63 8.47
C LEU B 233 -14.92 -3.84 9.18
N ILE B 234 -14.38 -4.39 10.25
CA ILE B 234 -13.33 -3.72 11.00
C ILE B 234 -11.99 -3.80 10.27
N GLU B 235 -11.71 -4.96 9.68
CA GLU B 235 -10.46 -5.16 8.96
C GLU B 235 -10.40 -4.13 7.86
N ALA B 236 -11.50 -4.00 7.12
CA ALA B 236 -11.61 -3.05 6.01
C ALA B 236 -11.34 -1.67 6.48
N SER B 237 -12.06 -1.22 7.49
CA SER B 237 -11.84 0.12 8.02
C SER B 237 -10.37 0.36 8.42
N THR B 238 -9.83 -0.52 9.25
CA THR B 238 -8.46 -0.41 9.72
C THR B 238 -7.46 -0.34 8.57
N PHE B 239 -7.75 -1.04 7.49
CA PHE B 239 -6.87 -1.08 6.35
C PHE B 239 -6.81 0.25 5.61
N VAL B 240 -7.98 0.77 5.27
CA VAL B 240 -8.08 2.00 4.56
C VAL B 240 -7.48 3.09 5.40
N GLN B 241 -7.76 3.08 6.70
CA GLN B 241 -7.21 4.13 7.57
C GLN B 241 -5.71 4.04 7.60
N THR B 242 -5.18 2.82 7.68
CA THR B 242 -3.74 2.67 7.74
C THR B 242 -2.98 3.15 6.51
N VAL B 243 -3.42 2.75 5.32
CA VAL B 243 -2.71 3.18 4.14
C VAL B 243 -2.96 4.63 3.81
N GLU B 244 -4.13 5.13 4.17
CA GLU B 244 -4.41 6.52 3.88
C GLU B 244 -3.51 7.43 4.72
N LYS B 245 -3.36 7.09 5.99
CA LYS B 245 -2.55 7.90 6.89
C LYS B 245 -1.08 7.61 6.77
N ARG B 246 -0.76 6.36 6.50
CA ARG B 246 0.61 5.96 6.36
C ARG B 246 1.19 6.38 5.01
N GLN B 247 0.49 6.09 3.91
CA GLN B 247 1.01 6.42 2.60
C GLN B 247 0.50 7.67 1.91
N GLY B 248 -0.26 8.49 2.60
CA GLY B 248 -0.72 9.74 2.02
C GLY B 248 -1.71 9.88 0.89
N PHE B 249 -2.44 8.85 0.46
CA PHE B 249 -3.44 9.07 -0.59
C PHE B 249 -4.79 8.61 -0.07
N LYS B 250 -5.87 8.98 -0.74
CA LYS B 250 -7.19 8.57 -0.30
C LYS B 250 -7.75 7.50 -1.19
N ILE B 251 -8.38 6.48 -0.61
CA ILE B 251 -8.99 5.43 -1.42
C ILE B 251 -10.48 5.71 -1.61
N ALA B 252 -10.96 5.52 -2.83
CA ALA B 252 -12.37 5.77 -3.13
C ALA B 252 -12.82 7.21 -2.84
N CYS B 253 -12.01 8.16 -3.25
CA CYS B 253 -12.35 9.57 -3.09
C CYS B 253 -12.95 9.96 -4.44
N LEU B 254 -14.28 9.95 -4.50
CA LEU B 254 -14.97 10.20 -5.74
C LEU B 254 -14.66 11.51 -6.44
N GLU B 255 -14.81 12.63 -5.75
CA GLU B 255 -14.53 13.87 -6.42
C GLU B 255 -13.13 13.84 -7.04
N GLU B 256 -12.17 13.25 -6.35
CA GLU B 256 -10.83 13.21 -6.93
C GLU B 256 -10.77 12.33 -8.19
N ILE B 257 -11.51 11.23 -8.20
CA ILE B 257 -11.50 10.37 -9.38
C ILE B 257 -12.14 11.12 -10.54
N ALA B 258 -13.24 11.80 -10.26
CA ALA B 258 -13.95 12.56 -11.28
C ALA B 258 -13.03 13.62 -11.85
N TRP B 259 -12.45 14.42 -10.98
CA TRP B 259 -11.55 15.47 -11.40
C TRP B 259 -10.53 15.04 -12.45
N ARG B 260 -9.70 14.06 -12.11
CA ARG B 260 -8.71 13.58 -13.04
C ARG B 260 -9.31 13.02 -14.33
N ASN B 261 -10.52 12.49 -14.23
CA ASN B 261 -11.21 11.92 -15.38
C ASN B 261 -11.86 13.02 -16.23
N GLY B 262 -11.60 14.26 -15.83
CA GLY B 262 -12.16 15.40 -16.53
C GLY B 262 -13.66 15.44 -16.41
N TRP B 263 -14.21 14.70 -15.44
CA TRP B 263 -15.65 14.68 -15.22
C TRP B 263 -16.13 15.90 -14.46
N LEU B 264 -15.25 16.50 -13.67
CA LEU B 264 -15.59 17.74 -12.99
C LEU B 264 -14.38 18.67 -12.82
N ASP B 265 -14.65 19.95 -13.08
CA ASP B 265 -13.68 21.03 -13.05
C ASP B 265 -13.28 21.42 -11.63
N ASP B 266 -12.12 22.07 -11.54
CA ASP B 266 -11.54 22.52 -10.28
C ASP B 266 -12.59 23.23 -9.46
N GLU B 267 -13.47 23.94 -10.14
CA GLU B 267 -14.52 24.68 -9.48
C GLU B 267 -15.38 23.69 -8.71
N GLY B 268 -15.68 22.57 -9.37
CA GLY B 268 -16.50 21.53 -8.76
C GLY B 268 -15.86 20.91 -7.52
N VAL B 269 -14.57 20.59 -7.65
CA VAL B 269 -13.82 20.02 -6.54
C VAL B 269 -13.76 20.98 -5.36
N LYS B 270 -13.67 22.28 -5.66
CA LYS B 270 -13.61 23.26 -4.59
C LYS B 270 -14.94 23.38 -3.79
N ARG B 271 -16.08 23.25 -4.47
CA ARG B 271 -17.37 23.35 -3.77
C ARG B 271 -17.49 22.19 -2.80
N ALA B 272 -16.95 21.05 -3.21
CA ALA B 272 -16.97 19.84 -2.40
C ALA B 272 -16.03 19.97 -1.20
N ALA B 273 -14.75 20.18 -1.47
CA ALA B 273 -13.78 20.29 -0.39
C ALA B 273 -14.23 21.31 0.65
N SER B 274 -14.98 22.31 0.20
CA SER B 274 -15.46 23.33 1.10
C SER B 274 -16.46 22.78 2.09
N SER B 275 -17.50 22.13 1.59
CA SER B 275 -18.56 21.57 2.42
C SER B 275 -18.07 20.39 3.26
N LEU B 276 -16.79 20.05 3.11
CA LEU B 276 -16.19 18.96 3.89
C LEU B 276 -14.95 19.45 4.62
N ALA B 277 -14.68 20.75 4.47
CA ALA B 277 -13.53 21.45 5.05
C ALA B 277 -13.17 21.07 6.49
N LYS B 278 -14.20 20.80 7.29
CA LYS B 278 -14.01 20.44 8.69
C LYS B 278 -13.55 18.98 8.83
N THR B 279 -13.42 18.31 7.68
CA THR B 279 -13.05 16.91 7.57
C THR B 279 -11.70 16.60 6.90
N GLY B 280 -11.06 15.50 7.32
CA GLY B 280 -9.79 15.15 6.72
C GLY B 280 -9.96 14.89 5.22
N TYR B 281 -11.17 14.49 4.85
CA TYR B 281 -11.49 14.23 3.46
C TYR B 281 -11.47 15.58 2.70
N GLY B 282 -11.93 16.63 3.37
CA GLY B 282 -11.98 17.95 2.77
C GLY B 282 -10.63 18.61 2.53
N GLN B 283 -9.75 18.51 3.51
CA GLN B 283 -8.41 19.09 3.37
C GLN B 283 -7.63 18.37 2.29
N TYR B 284 -7.84 17.05 2.21
CA TYR B 284 -7.16 16.27 1.19
C TYR B 284 -7.55 16.86 -0.16
N LEU B 285 -8.80 17.31 -0.27
CA LEU B 285 -9.28 17.90 -1.51
C LEU B 285 -8.70 19.28 -1.78
N LEU B 286 -8.57 20.09 -0.72
CA LEU B 286 -8.00 21.44 -0.84
C LEU B 286 -6.54 21.32 -1.30
N GLU B 287 -5.83 20.39 -0.68
CA GLU B 287 -4.44 20.14 -1.01
C GLU B 287 -4.23 19.74 -2.49
N LEU B 288 -5.19 19.07 -3.10
CA LEU B 288 -5.00 18.68 -4.50
C LEU B 288 -5.13 19.90 -5.40
N LEU B 289 -5.65 20.98 -4.80
CA LEU B 289 -5.83 22.20 -5.57
C LEU B 289 -4.56 23.06 -5.60
N ARG B 290 -3.41 22.40 -5.81
CA ARG B 290 -2.09 23.06 -5.93
C ARG B 290 -0.95 22.11 -6.32
N ALA B 291 0.25 22.42 -5.83
CA ALA B 291 1.45 21.61 -6.12
C ALA B 291 2.66 21.99 -5.23
N ARG B 292 3.71 21.17 -5.28
CA ARG B 292 4.93 21.38 -4.48
C ARG B 292 6.20 21.55 -5.37
N PRO B 293 7.33 22.05 -4.77
CA PRO B 293 8.57 22.22 -5.58
C PRO B 293 9.22 20.89 -5.99
#